data_6BHH
#
_entry.id   6BHH
#
_cell.length_a   37.799
_cell.length_b   71.804
_cell.length_c   52.544
_cell.angle_alpha   90.000
_cell.angle_beta   104.420
_cell.angle_gamma   90.000
#
_symmetry.space_group_name_H-M   'P 1 21 1'
#
loop_
_entity.id
_entity.type
_entity.pdbx_description
1 polymer 'Histone-lysine N-methyltransferase SETDB1'
2 polymer 'Histone H3.1'
3 non-polymer 'SULFATE ION'
4 non-polymer 'UNKNOWN ATOM OR ION'
5 water water
#
loop_
_entity_poly.entity_id
_entity_poly.type
_entity_poly.pdbx_seq_one_letter_code
_entity_poly.pdbx_strand_id
1 'polypeptide(L)'
;MHHHHHHSSGRENLYFQGGELSKDGDLIVSMRILGKKRTKTWHKGTLIAIQTVGPGKKYKVKFDNKGKSLLSGNHIAYDY
HPPADKLYVGSRVVAKYKDGNQVWLYAGIVAETPNVKNKLRFLIFFDDGYASYVTQSELYPICRPLKKTWEDIEDISCRD
FIEEYVTAYPNRPMVLLKSGQLIKTEAEGTWWKSRVEEVDGSLVRILFLDDKRCEWIYRGSTRLEPMFSMKTSSASALE
;
A
2 'polypeptide(L)' (ACE)KQTAR(MLY)STGG(ALY)APRKQ(NH2) B
#
loop_
_chem_comp.id
_chem_comp.type
_chem_comp.name
_chem_comp.formula
ACE non-polymer 'ACETYL GROUP' 'C2 H4 O'
NH2 non-polymer 'AMINO GROUP' 'H2 N'
SO4 non-polymer 'SULFATE ION' 'O4 S -2'
UNX non-polymer 'UNKNOWN ATOM OR ION' ?
#
# COMPACT_ATOMS: atom_id res chain seq x y z
N GLY A 19 -3.48 16.93 29.40
CA GLY A 19 -3.49 17.36 27.96
C GLY A 19 -4.57 16.65 27.15
N GLU A 20 -5.79 16.62 27.70
CA GLU A 20 -6.93 15.91 27.12
C GLU A 20 -7.69 16.80 26.14
N LEU A 21 -8.15 16.23 25.02
CA LEU A 21 -8.89 16.99 24.02
C LEU A 21 -10.19 16.28 23.62
N SER A 22 -11.20 17.08 23.31
CA SER A 22 -12.44 16.60 22.73
C SER A 22 -12.36 16.60 21.19
N LYS A 23 -11.43 17.40 20.63
CA LYS A 23 -11.23 17.54 19.18
C LYS A 23 -9.76 17.86 18.81
N ASP A 24 -9.45 17.67 17.53
CA ASP A 24 -8.12 17.95 16.95
C ASP A 24 -8.38 18.16 15.48
N GLY A 25 -8.67 19.40 15.10
CA GLY A 25 -9.14 19.71 13.76
C GLY A 25 -10.40 18.91 13.50
N ASP A 26 -10.37 18.08 12.45
CA ASP A 26 -11.48 17.24 12.06
C ASP A 26 -11.50 15.86 12.75
N LEU A 27 -10.62 15.64 13.72
CA LEU A 27 -10.68 14.43 14.55
C LEU A 27 -11.46 14.81 15.83
N ILE A 28 -12.66 14.26 15.95
CA ILE A 28 -13.57 14.60 17.06
C ILE A 28 -13.89 13.32 17.84
N VAL A 29 -13.74 13.37 19.17
CA VAL A 29 -14.18 12.27 20.04
C VAL A 29 -15.63 11.93 19.70
N SER A 30 -15.91 10.62 19.56
CA SER A 30 -17.22 10.01 19.15
C SER A 30 -17.29 9.60 17.65
N MET A 31 -16.33 10.06 16.83
CA MET A 31 -16.37 9.77 15.38
C MET A 31 -16.09 8.29 15.13
N ARG A 32 -16.64 7.80 14.02
CA ARG A 32 -16.26 6.49 13.48
C ARG A 32 -14.82 6.59 12.95
N ILE A 33 -14.05 5.51 13.07
CA ILE A 33 -12.61 5.51 12.73
C ILE A 33 -12.15 4.08 12.38
N LEU A 34 -11.04 3.96 11.64
CA LEU A 34 -10.32 2.69 11.50
C LEU A 34 -9.02 2.76 12.30
N GLY A 35 -8.65 1.66 12.95
CA GLY A 35 -7.46 1.62 13.76
C GLY A 35 -6.59 0.44 13.40
N LYS A 36 -5.28 0.65 13.42
CA LYS A 36 -4.30 -0.40 13.12
C LYS A 36 -4.07 -1.23 14.38
N LYS A 37 -4.32 -2.54 14.29
CA LYS A 37 -3.95 -3.49 15.38
C LYS A 37 -2.53 -4.07 15.20
N ARG A 38 -2.04 -4.77 16.22
CA ARG A 38 -0.64 -5.32 16.23
C ARG A 38 -0.39 -6.36 15.11
N THR A 39 -1.47 -7.00 14.65
CA THR A 39 -1.46 -7.83 13.45
C THR A 39 -1.10 -7.09 12.16
N LYS A 40 -1.09 -5.73 12.18
CA LYS A 40 -0.91 -4.85 10.98
C LYS A 40 -2.19 -4.72 10.15
N THR A 41 -3.30 -5.31 10.60
CA THR A 41 -4.59 -5.20 9.90
C THR A 41 -5.40 -4.13 10.62
N TRP A 42 -6.34 -3.55 9.87
CA TRP A 42 -7.05 -2.36 10.32
C TRP A 42 -8.51 -2.69 10.52
N HIS A 43 -9.11 -2.10 11.56
CA HIS A 43 -10.44 -2.50 12.04
C HIS A 43 -11.29 -1.32 12.45
N LYS A 44 -12.61 -1.48 12.29
CA LYS A 44 -13.59 -0.41 12.60
C LYS A 44 -13.74 -0.22 14.09
N GLY A 45 -13.95 1.03 14.47
CA GLY A 45 -14.08 1.38 15.85
C GLY A 45 -14.49 2.83 16.02
N THR A 46 -14.44 3.29 17.27
CA THR A 46 -14.86 4.63 17.62
C THR A 46 -13.73 5.32 18.30
N LEU A 47 -13.51 6.59 18.00
CA LEU A 47 -12.51 7.40 18.68
C LEU A 47 -13.12 7.81 20.03
N ILE A 48 -12.58 7.31 21.14
CA ILE A 48 -13.17 7.58 22.49
C ILE A 48 -12.37 8.58 23.32
N ALA A 49 -11.12 8.86 22.94
CA ALA A 49 -10.34 9.94 23.60
C ALA A 49 -9.17 10.44 22.74
N ILE A 50 -8.74 11.69 23.04
CA ILE A 50 -7.55 12.30 22.44
C ILE A 50 -6.71 12.84 23.60
N GLN A 51 -5.40 12.54 23.59
CA GLN A 51 -4.51 12.98 24.69
C GLN A 51 -3.15 13.33 24.13
N THR A 52 -2.60 14.44 24.60
CA THR A 52 -1.24 14.82 24.27
C THR A 52 -0.33 14.08 25.24
N VAL A 53 0.52 13.20 24.70
CA VAL A 53 1.50 12.42 25.45
C VAL A 53 2.86 12.74 24.83
N GLY A 54 3.73 13.38 25.62
CA GLY A 54 5.08 13.73 25.17
C GLY A 54 5.06 14.61 23.92
N PRO A 55 5.67 14.15 22.81
CA PRO A 55 5.83 14.96 21.60
C PRO A 55 4.60 15.09 20.69
N GLY A 56 3.49 14.40 20.99
CA GLY A 56 2.31 14.50 20.13
C GLY A 56 1.06 13.93 20.71
N LYS A 57 0.07 13.73 19.86
CA LYS A 57 -1.25 13.22 20.31
C LYS A 57 -1.35 11.73 20.14
N LYS A 58 -2.09 11.12 21.05
CA LYS A 58 -2.45 9.73 20.99
C LYS A 58 -3.98 9.67 20.90
N TYR A 59 -4.48 8.70 20.17
CA TYR A 59 -5.91 8.59 19.85
C TYR A 59 -6.36 7.25 20.39
N LYS A 60 -7.28 7.25 21.37
CA LYS A 60 -7.74 6.00 21.97
C LYS A 60 -8.95 5.48 21.17
N VAL A 61 -8.86 4.25 20.69
CA VAL A 61 -9.90 3.69 19.80
C VAL A 61 -10.54 2.48 20.49
N LYS A 62 -11.88 2.42 20.49
CA LYS A 62 -12.63 1.24 20.93
C LYS A 62 -13.15 0.53 19.67
N PHE A 63 -12.64 -0.68 19.42
CA PHE A 63 -12.97 -1.41 18.20
C PHE A 63 -14.37 -1.98 18.29
N ASP A 64 -15.07 -2.05 17.15
CA ASP A 64 -16.41 -2.65 17.12
C ASP A 64 -16.42 -4.10 17.62
N ASN A 65 -15.55 -4.94 17.02
CA ASN A 65 -15.50 -6.37 17.35
C ASN A 65 -14.88 -6.58 18.74
N LYS A 66 -13.55 -6.41 18.85
CA LYS A 66 -12.81 -6.66 20.09
C LYS A 66 -11.69 -5.64 20.34
N GLY A 67 -11.57 -5.21 21.60
CA GLY A 67 -10.39 -4.50 22.10
C GLY A 67 -10.40 -2.98 22.07
N LYS A 68 -9.42 -2.39 22.77
CA LYS A 68 -9.07 -0.96 22.70
C LYS A 68 -7.58 -0.80 22.41
N SER A 69 -7.19 0.30 21.77
CA SER A 69 -5.76 0.65 21.55
C SER A 69 -5.56 2.13 21.63
N LEU A 70 -4.39 2.53 22.09
CA LEU A 70 -3.96 3.90 22.05
C LEU A 70 -2.99 4.00 20.89
N LEU A 71 -3.33 4.82 19.89
CA LEU A 71 -2.67 4.84 18.59
C LEU A 71 -2.17 6.22 18.23
N SER A 72 -1.05 6.29 17.49
CA SER A 72 -0.60 7.55 16.90
CA SER A 72 -0.60 7.55 16.90
C SER A 72 -1.49 7.87 15.70
N GLY A 73 -1.46 9.10 15.27
CA GLY A 73 -2.35 9.62 14.24
C GLY A 73 -2.13 9.07 12.86
N ASN A 74 -0.92 8.52 12.60
CA ASN A 74 -0.65 7.73 11.37
C ASN A 74 -1.13 6.27 11.44
N HIS A 75 -1.65 5.84 12.60
CA HIS A 75 -2.22 4.50 12.79
C HIS A 75 -3.74 4.50 13.00
N ILE A 76 -4.35 5.61 12.65
CA ILE A 76 -5.80 5.67 12.47
C ILE A 76 -6.12 6.20 11.06
N ALA A 77 -7.30 5.81 10.55
CA ALA A 77 -7.79 6.26 9.27
C ALA A 77 -9.28 6.63 9.35
N TYR A 78 -9.73 7.49 8.45
CA TYR A 78 -11.13 7.91 8.41
C TYR A 78 -11.97 6.79 7.89
N ASP A 79 -13.18 6.62 8.43
CA ASP A 79 -14.11 5.60 7.92
C ASP A 79 -14.96 6.16 6.80
N TYR A 80 -14.32 6.78 5.83
CA TYR A 80 -14.96 7.17 4.58
C TYR A 80 -13.97 7.06 3.46
N HIS A 81 -14.48 7.07 2.25
CA HIS A 81 -13.66 6.94 1.07
C HIS A 81 -13.31 8.34 0.63
N PRO A 82 -12.13 8.52 0.03
CA PRO A 82 -11.73 9.84 -0.37
C PRO A 82 -12.55 10.31 -1.57
N PRO A 83 -12.81 11.62 -1.67
CA PRO A 83 -13.17 12.15 -2.99
C PRO A 83 -11.93 12.02 -3.89
N ALA A 84 -12.10 11.42 -5.07
CA ALA A 84 -10.95 10.94 -5.90
C ALA A 84 -9.76 11.89 -5.89
N ASP A 85 -10.00 13.13 -6.28
CA ASP A 85 -8.93 14.13 -6.43
C ASP A 85 -8.29 14.64 -5.11
N LYS A 86 -8.72 14.14 -3.95
CA LYS A 86 -8.03 14.39 -2.67
C LYS A 86 -6.67 13.66 -2.62
N LEU A 87 -6.64 12.42 -3.12
CA LEU A 87 -5.43 11.60 -3.04
C LEU A 87 -4.53 11.88 -4.23
N TYR A 88 -3.24 11.59 -4.02
CA TYR A 88 -2.20 11.84 -5.02
C TYR A 88 -1.11 10.78 -4.80
N VAL A 89 -0.15 10.73 -5.71
CA VAL A 89 0.91 9.74 -5.63
C VAL A 89 1.78 10.07 -4.43
N GLY A 90 1.91 9.09 -3.54
CA GLY A 90 2.54 9.28 -2.23
C GLY A 90 1.57 9.37 -1.06
N SER A 91 0.28 9.50 -1.32
CA SER A 91 -0.75 9.47 -0.24
C SER A 91 -0.71 8.19 0.58
N ARG A 92 -0.76 8.35 1.91
CA ARG A 92 -0.77 7.24 2.84
C ARG A 92 -2.24 6.82 3.05
N VAL A 93 -2.55 5.55 2.81
CA VAL A 93 -3.90 5.05 2.81
C VAL A 93 -3.97 3.68 3.40
N VAL A 94 -5.17 3.32 3.82
CA VAL A 94 -5.53 1.93 4.09
C VAL A 94 -6.37 1.48 2.90
N ALA A 95 -6.19 0.23 2.48
CA ALA A 95 -6.89 -0.30 1.32
C ALA A 95 -7.24 -1.74 1.49
N LYS A 96 -8.26 -2.20 0.75
CA LYS A 96 -8.67 -3.58 0.77
C LYS A 96 -7.58 -4.39 0.07
N TYR A 97 -7.06 -5.38 0.78
CA TYR A 97 -5.97 -6.26 0.34
C TYR A 97 -6.69 -7.58 0.06
N LYS A 98 -6.82 -7.90 -1.22
CA LYS A 98 -7.60 -9.05 -1.70
C LYS A 98 -6.66 -10.19 -2.10
N ASP A 99 -7.05 -11.42 -1.78
CA GLN A 102 -9.01 -13.80 1.96
C GLN A 102 -8.99 -12.28 1.67
N VAL A 103 -9.58 -11.49 2.56
CA VAL A 103 -9.64 -10.00 2.45
C VAL A 103 -9.38 -9.27 3.79
N TRP A 104 -8.43 -8.32 3.79
CA TRP A 104 -8.09 -7.50 4.97
C TRP A 104 -7.96 -6.03 4.59
N LEU A 105 -7.98 -5.16 5.60
CA LEU A 105 -7.58 -3.79 5.43
C LEU A 105 -6.15 -3.65 5.87
N TYR A 106 -5.33 -3.12 4.97
CA TYR A 106 -3.89 -3.01 5.16
C TYR A 106 -3.41 -1.67 4.64
N ALA A 107 -2.32 -1.19 5.26
CA ALA A 107 -1.72 0.11 4.95
C ALA A 107 -0.89 0.07 3.66
N GLY A 108 -0.84 1.20 2.98
CA GLY A 108 -0.04 1.36 1.78
C GLY A 108 0.14 2.81 1.36
N ILE A 109 0.63 2.96 0.12
CA ILE A 109 0.91 4.24 -0.49
C ILE A 109 0.23 4.25 -1.87
N VAL A 110 -0.38 5.37 -2.24
CA VAL A 110 -0.95 5.51 -3.57
C VAL A 110 0.21 5.70 -4.55
N ALA A 111 0.28 4.82 -5.52
CA ALA A 111 1.37 4.83 -6.50
C ALA A 111 0.95 5.38 -7.83
N GLU A 112 -0.36 5.44 -8.06
CA GLU A 112 -0.92 5.89 -9.35
C GLU A 112 -2.40 6.23 -9.10
N THR A 113 -2.87 7.36 -9.65
CA THR A 113 -4.26 7.78 -9.47
C THR A 113 -5.10 7.36 -10.71
N PRO A 114 -6.43 7.36 -10.59
CA PRO A 114 -7.31 6.97 -11.72
C PRO A 114 -7.02 7.69 -13.04
N ASN A 115 -6.90 6.91 -14.10
CA ASN A 115 -6.75 7.41 -15.45
C ASN A 115 -7.36 6.41 -16.43
N VAL A 116 -7.30 6.69 -17.74
CA VAL A 116 -7.86 5.75 -18.74
C VAL A 116 -7.02 4.46 -18.82
N LYS A 117 -5.69 4.57 -18.83
CA LYS A 117 -4.83 3.40 -18.91
C LYS A 117 -5.08 2.36 -17.78
N ASN A 118 -5.43 2.81 -16.57
CA ASN A 118 -5.75 1.86 -15.45
C ASN A 118 -7.25 1.65 -15.15
N LYS A 119 -8.11 2.08 -16.07
CA LYS A 119 -9.56 1.97 -15.86
C LYS A 119 -10.02 2.63 -14.57
N LEU A 120 -9.52 3.83 -14.33
CA LEU A 120 -9.95 4.67 -13.20
C LEU A 120 -9.77 4.04 -11.84
N ARG A 121 -8.63 3.38 -11.63
CA ARG A 121 -8.35 2.73 -10.34
C ARG A 121 -7.13 3.37 -9.72
N PHE A 122 -6.96 3.12 -8.42
CA PHE A 122 -5.76 3.52 -7.67
C PHE A 122 -4.79 2.34 -7.60
N LEU A 123 -3.51 2.54 -7.99
CA LEU A 123 -2.49 1.51 -7.75
C LEU A 123 -1.96 1.69 -6.36
N ILE A 124 -1.99 0.63 -5.57
CA ILE A 124 -1.51 0.67 -4.19
C ILE A 124 -0.28 -0.17 -4.02
N PHE A 125 0.75 0.42 -3.44
CA PHE A 125 1.91 -0.31 -3.01
C PHE A 125 1.74 -0.48 -1.48
N PHE A 126 1.44 -1.70 -1.05
CA PHE A 126 1.24 -1.97 0.37
C PHE A 126 2.55 -2.03 1.14
N ASP A 127 2.44 -1.82 2.45
CA ASP A 127 3.61 -1.81 3.37
C ASP A 127 4.51 -3.05 3.36
N ASP A 128 3.94 -4.20 3.00
CA ASP A 128 4.68 -5.47 2.95
C ASP A 128 5.31 -5.74 1.58
N GLY A 129 5.07 -4.87 0.60
CA GLY A 129 5.62 -5.02 -0.78
C GLY A 129 4.63 -5.45 -1.85
N TYR A 130 3.44 -5.85 -1.41
CA TYR A 130 2.34 -6.27 -2.29
C TYR A 130 1.83 -5.08 -3.10
N ALA A 131 1.35 -5.36 -4.32
CA ALA A 131 0.79 -4.35 -5.18
C ALA A 131 -0.54 -4.82 -5.75
N SER A 132 -1.46 -3.90 -5.86
CA SER A 132 -2.74 -4.16 -6.55
CA SER A 132 -2.77 -4.16 -6.49
C SER A 132 -3.44 -2.86 -6.89
N TYR A 133 -4.31 -2.96 -7.90
CA TYR A 133 -5.27 -1.90 -8.22
C TYR A 133 -6.52 -2.04 -7.36
N VAL A 134 -7.02 -0.91 -6.83
CA VAL A 134 -8.26 -0.88 -6.04
C VAL A 134 -9.18 0.25 -6.51
N THR A 135 -10.48 0.14 -6.21
CA THR A 135 -11.44 1.16 -6.57
C THR A 135 -11.49 2.27 -5.51
N GLN A 136 -12.14 3.38 -5.83
CA GLN A 136 -12.30 4.47 -4.87
C GLN A 136 -13.01 4.04 -3.59
N SER A 137 -13.95 3.10 -3.69
CA SER A 137 -14.67 2.62 -2.50
C SER A 137 -13.90 1.54 -1.69
N GLU A 138 -12.63 1.31 -2.03
CA GLU A 138 -11.80 0.35 -1.34
C GLU A 138 -10.58 0.98 -0.63
N LEU A 139 -10.53 2.29 -0.51
N LEU A 139 -10.59 2.30 -0.51
CA LEU A 139 -9.44 2.90 0.23
CA LEU A 139 -9.50 3.09 0.07
C LEU A 139 -9.91 4.05 1.11
C LEU A 139 -10.03 3.87 1.26
N TYR A 140 -9.12 4.29 2.14
CA TYR A 140 -9.46 5.16 3.27
C TYR A 140 -8.24 5.98 3.58
N PRO A 141 -8.36 7.32 3.65
CA PRO A 141 -7.16 8.11 3.93
C PRO A 141 -6.73 8.01 5.42
N ILE A 142 -5.42 7.89 5.65
CA ILE A 142 -4.87 7.84 7.01
C ILE A 142 -4.98 9.28 7.62
N CYS A 143 -5.33 9.35 8.89
CA CYS A 143 -5.75 10.62 9.48
C CYS A 143 -4.59 11.66 9.53
N ARG A 144 -3.45 11.25 10.07
CA ARG A 144 -2.30 12.13 10.23
C ARG A 144 -1.03 11.44 9.72
N PRO A 145 -0.88 11.35 8.40
CA PRO A 145 0.35 10.73 7.87
C PRO A 145 1.58 11.58 8.15
N LEU A 146 2.74 10.95 8.17
CA LEU A 146 4.00 11.69 8.27
C LEU A 146 4.24 12.51 7.01
N LYS A 147 4.92 13.63 7.16
CA LYS A 147 5.14 14.56 6.08
C LYS A 147 5.85 13.88 4.94
N LYS A 148 6.88 13.08 5.27
CA LYS A 148 7.46 12.14 4.32
C LYS A 148 6.73 10.83 4.62
N THR A 149 5.82 10.45 3.72
CA THR A 149 4.78 9.47 4.05
C THR A 149 5.29 8.07 4.24
N TRP A 150 6.43 7.77 3.62
CA TRP A 150 7.13 6.45 3.73
C TRP A 150 7.89 6.21 5.05
N GLU A 151 8.07 7.24 5.85
CA GLU A 151 8.93 7.12 7.06
C GLU A 151 8.36 6.25 8.18
N ASP A 152 7.09 5.85 8.07
CA ASP A 152 6.51 4.90 9.01
C ASP A 152 6.37 3.49 8.44
N ILE A 153 7.04 3.22 7.30
CA ILE A 153 7.02 1.88 6.73
C ILE A 153 8.10 1.06 7.44
N GLU A 154 7.70 0.01 8.15
CA GLU A 154 8.62 -0.79 8.97
C GLU A 154 9.68 -1.52 8.16
N ASP A 155 9.28 -2.14 7.07
CA ASP A 155 10.19 -2.97 6.29
C ASP A 155 11.11 -2.03 5.51
N ILE A 156 12.42 -2.15 5.74
CA ILE A 156 13.38 -1.16 5.22
C ILE A 156 13.51 -1.20 3.68
N SER A 157 13.43 -2.39 3.08
CA SER A 157 13.50 -2.47 1.61
C SER A 157 12.25 -1.83 0.93
N CYS A 158 11.09 -2.01 1.55
CA CYS A 158 9.85 -1.33 1.18
C CYS A 158 9.95 0.18 1.37
N ARG A 159 10.42 0.58 2.52
CA ARG A 159 10.57 1.99 2.86
C ARG A 159 11.46 2.71 1.85
N ASP A 160 12.61 2.12 1.58
CA ASP A 160 13.55 2.67 0.60
C ASP A 160 12.96 2.72 -0.80
N PHE A 161 12.30 1.64 -1.22
CA PHE A 161 11.68 1.63 -2.53
C PHE A 161 10.67 2.76 -2.72
N ILE A 162 9.82 2.96 -1.71
CA ILE A 162 8.77 3.99 -1.81
C ILE A 162 9.37 5.39 -1.86
N GLU A 163 10.38 5.65 -1.04
CA GLU A 163 11.04 6.96 -1.05
C GLU A 163 11.54 7.27 -2.46
N GLU A 164 12.25 6.31 -3.02
CA GLU A 164 12.81 6.44 -4.38
C GLU A 164 11.68 6.66 -5.40
N TYR A 165 10.67 5.79 -5.36
CA TYR A 165 9.54 5.85 -6.29
C TYR A 165 8.79 7.20 -6.21
N VAL A 166 8.43 7.62 -5.01
CA VAL A 166 7.70 8.88 -4.82
C VAL A 166 8.52 10.08 -5.28
N THR A 167 9.78 10.10 -4.90
CA THR A 167 10.70 11.18 -5.24
C THR A 167 10.96 11.26 -6.75
N ALA A 168 11.01 10.14 -7.43
CA ALA A 168 11.29 10.12 -8.88
C ALA A 168 10.04 10.41 -9.74
N TYR A 169 8.86 10.20 -9.17
CA TYR A 169 7.59 10.44 -9.86
C TYR A 169 7.56 11.85 -10.49
N PRO A 170 7.17 12.01 -11.77
CA PRO A 170 6.52 11.01 -12.62
C PRO A 170 7.43 10.27 -13.60
N ASN A 171 8.73 10.25 -13.36
CA ASN A 171 9.66 9.57 -14.20
C ASN A 171 9.63 8.08 -13.79
N ARG A 172 8.96 7.27 -14.60
CA ARG A 172 8.73 5.83 -14.29
C ARG A 172 9.17 4.95 -15.47
N PRO A 173 10.43 4.59 -15.51
CA PRO A 173 10.88 3.65 -16.53
C PRO A 173 10.16 2.32 -16.35
N MET A 174 9.51 1.83 -17.40
CA MET A 174 8.89 0.49 -17.37
C MET A 174 9.23 -0.29 -18.60
N VAL A 175 9.06 -1.61 -18.51
CA VAL A 175 9.20 -2.45 -19.71
C VAL A 175 7.87 -2.78 -20.33
N LEU A 176 7.88 -2.87 -21.66
CA LEU A 176 6.71 -3.32 -22.40
C LEU A 176 6.79 -4.82 -22.49
N LEU A 177 5.79 -5.48 -21.95
CA LEU A 177 5.67 -6.94 -21.94
C LEU A 177 4.33 -7.32 -22.54
N LYS A 178 4.29 -8.48 -23.18
CA LYS A 178 3.11 -9.02 -23.84
C LYS A 178 2.77 -10.41 -23.30
N SER A 179 1.47 -10.77 -23.31
CA SER A 179 0.99 -12.12 -22.94
C SER A 179 1.72 -13.17 -23.72
N GLY A 180 2.15 -14.23 -23.04
CA GLY A 180 2.92 -15.32 -23.66
C GLY A 180 4.45 -15.10 -23.69
N GLN A 181 4.91 -13.88 -23.42
CA GLN A 181 6.34 -13.58 -23.40
C GLN A 181 7.01 -14.30 -22.21
N LEU A 182 8.22 -14.82 -22.44
CA LEU A 182 8.99 -15.57 -21.42
C LEU A 182 10.12 -14.71 -20.94
N ILE A 183 10.24 -14.58 -19.64
CA ILE A 183 11.29 -13.81 -19.01
C ILE A 183 11.68 -14.46 -17.69
N LYS A 184 12.82 -14.07 -17.15
CA LYS A 184 13.22 -14.43 -15.81
C LYS A 184 12.63 -13.42 -14.84
N THR A 185 12.07 -13.90 -13.75
CA THR A 185 11.54 -13.04 -12.69
C THR A 185 12.19 -13.43 -11.37
N GLU A 186 12.65 -12.45 -10.62
CA GLU A 186 13.28 -12.69 -9.34
C GLU A 186 12.26 -13.01 -8.26
N ALA A 187 12.60 -13.95 -7.38
CA ALA A 187 11.88 -14.12 -6.09
C ALA A 187 12.77 -14.82 -5.08
N GLU A 188 12.86 -14.28 -3.88
CA GLU A 188 13.61 -14.90 -2.76
C GLU A 188 15.12 -15.15 -3.05
N GLY A 189 15.76 -14.24 -3.78
CA GLY A 189 17.20 -14.41 -4.14
C GLY A 189 17.52 -15.18 -5.43
N THR A 190 16.52 -15.89 -6.00
CA THR A 190 16.67 -16.71 -7.23
C THR A 190 15.94 -16.06 -8.42
N TRP A 191 16.50 -16.23 -9.62
CA TRP A 191 15.87 -15.77 -10.85
C TRP A 191 15.20 -16.97 -11.51
N TRP A 192 13.89 -16.90 -11.65
CA TRP A 192 13.03 -18.00 -12.06
C TRP A 192 12.51 -17.83 -13.49
N LYS A 193 12.44 -18.95 -14.19
CA LYS A 193 11.77 -18.99 -15.50
C LYS A 193 10.32 -18.66 -15.27
N SER A 194 9.79 -17.76 -16.09
CA SER A 194 8.42 -17.29 -15.91
C SER A 194 7.79 -16.89 -17.22
N ARG A 195 6.49 -16.64 -17.18
CA ARG A 195 5.70 -16.27 -18.32
C ARG A 195 4.73 -15.15 -17.99
N VAL A 196 4.58 -14.21 -18.93
CA VAL A 196 3.63 -13.13 -18.78
C VAL A 196 2.23 -13.64 -19.16
N GLU A 197 1.32 -13.70 -18.19
CA GLU A 197 -0.05 -14.16 -18.44
C GLU A 197 -1.00 -13.03 -18.84
N GLU A 198 -0.78 -11.82 -18.33
CA GLU A 198 -1.75 -10.73 -18.47
C GLU A 198 -1.08 -9.42 -18.15
N VAL A 199 -1.48 -8.38 -18.86
CA VAL A 199 -1.00 -7.03 -18.61
C VAL A 199 -2.20 -6.23 -18.15
N ASP A 200 -2.04 -5.47 -17.05
CA ASP A 200 -3.10 -4.62 -16.53
C ASP A 200 -2.51 -3.28 -16.07
N GLY A 201 -2.61 -2.28 -16.93
CA GLY A 201 -2.04 -0.98 -16.65
C GLY A 201 -0.55 -1.08 -16.38
N SER A 202 -0.16 -0.73 -15.17
CA SER A 202 1.24 -0.75 -14.78
C SER A 202 1.63 -2.08 -14.10
N LEU A 203 0.72 -3.06 -14.09
CA LEU A 203 1.00 -4.36 -13.50
C LEU A 203 1.04 -5.43 -14.56
N VAL A 204 1.86 -6.45 -14.29
CA VAL A 204 1.94 -7.62 -15.15
CA VAL A 204 1.92 -7.64 -15.15
C VAL A 204 1.70 -8.86 -14.28
N ARG A 205 0.84 -9.78 -14.74
CA ARG A 205 0.62 -11.04 -14.02
C ARG A 205 1.64 -12.08 -14.51
N ILE A 206 2.56 -12.48 -13.62
CA ILE A 206 3.65 -13.36 -13.92
C ILE A 206 3.34 -14.76 -13.40
N LEU A 207 3.38 -15.74 -14.28
CA LEU A 207 3.35 -17.19 -13.90
C LEU A 207 4.78 -17.70 -13.70
N PHE A 208 5.10 -18.14 -12.50
CA PHE A 208 6.36 -18.80 -12.20
C PHE A 208 6.19 -20.25 -12.68
N LEU A 209 7.06 -20.68 -13.61
CA LEU A 209 6.84 -21.93 -14.38
C LEU A 209 7.24 -23.21 -13.61
N ASP A 210 8.17 -23.11 -12.65
CA ASP A 210 8.58 -24.32 -11.88
C ASP A 210 7.52 -24.73 -10.85
N ASP A 211 6.92 -23.76 -10.15
CA ASP A 211 5.87 -24.02 -9.12
CA ASP A 211 5.87 -24.04 -9.13
C ASP A 211 4.45 -23.63 -9.51
N LYS A 212 4.28 -23.00 -10.66
CA LYS A 212 2.96 -22.64 -11.20
C LYS A 212 2.14 -21.57 -10.41
N ARG A 213 2.77 -20.81 -9.51
CA ARG A 213 2.06 -19.69 -8.85
C ARG A 213 2.16 -18.38 -9.69
N CYS A 214 1.15 -17.51 -9.52
CA CYS A 214 1.10 -16.22 -10.17
C CYS A 214 1.36 -15.10 -9.16
N GLU A 215 1.95 -14.01 -9.66
CA GLU A 215 2.11 -12.80 -8.90
C GLU A 215 1.92 -11.60 -9.83
N TRP A 216 1.19 -10.60 -9.34
CA TRP A 216 1.09 -9.30 -10.01
C TRP A 216 2.30 -8.43 -9.60
N ILE A 217 3.05 -7.97 -10.59
CA ILE A 217 4.27 -7.23 -10.34
C ILE A 217 4.27 -5.92 -11.14
N TYR A 218 4.79 -4.88 -10.52
CA TYR A 218 4.89 -3.56 -11.16
C TYR A 218 5.86 -3.62 -12.37
N ARG A 219 5.43 -3.12 -13.52
CA ARG A 219 6.22 -3.17 -14.75
C ARG A 219 7.48 -2.29 -14.73
N GLY A 220 7.64 -1.45 -13.70
CA GLY A 220 8.93 -0.80 -13.41
C GLY A 220 9.79 -1.46 -12.33
N SER A 221 9.42 -2.67 -11.90
CA SER A 221 10.19 -3.37 -10.87
C SER A 221 11.38 -4.08 -11.52
N THR A 222 12.56 -3.90 -10.92
CA THR A 222 13.75 -4.59 -11.36
C THR A 222 13.70 -6.13 -11.01
N ARG A 223 12.63 -6.62 -10.41
CA ARG A 223 12.42 -8.09 -10.28
C ARG A 223 12.09 -8.71 -11.62
N LEU A 224 11.70 -7.88 -12.60
CA LEU A 224 11.53 -8.31 -13.99
C LEU A 224 12.85 -8.20 -14.74
N GLU A 225 13.35 -9.32 -15.28
CA GLU A 225 14.67 -9.36 -15.95
C GLU A 225 14.93 -8.17 -16.88
N PRO A 226 14.02 -7.89 -17.82
CA PRO A 226 14.26 -6.79 -18.76
C PRO A 226 14.46 -5.38 -18.09
N MET A 227 13.78 -5.20 -16.97
CA MET A 227 13.82 -4.00 -16.18
C MET A 227 15.11 -3.97 -15.39
N PHE A 228 15.46 -5.09 -14.76
CA PHE A 228 16.78 -5.24 -14.09
C PHE A 228 17.95 -4.94 -15.05
N SER A 229 17.85 -5.51 -16.23
CA SER A 229 18.91 -5.44 -17.22
C SER A 229 19.02 -4.04 -17.85
N MET A 230 17.89 -3.32 -17.93
CA MET A 230 17.84 -1.92 -18.39
C MET A 230 18.66 -0.97 -17.50
N LYS A 231 18.95 -1.37 -16.25
CA LYS A 231 19.76 -0.58 -15.31
C LYS A 231 20.91 -1.41 -14.77
CA MLY B 7 0.93 -13.58 1.92
C MLY B 7 2.20 -14.03 1.24
O MLY B 7 3.23 -14.22 1.91
N SER B 8 2.15 -14.18 -0.09
CA SER B 8 3.26 -14.72 -0.90
C SER B 8 4.10 -13.66 -1.67
N THR B 9 4.04 -12.39 -1.26
CA THR B 9 4.69 -11.31 -2.05
C THR B 9 6.22 -11.32 -2.09
N GLY B 10 6.79 -11.09 -3.29
CA GLY B 10 8.23 -10.83 -3.40
C GLY B 10 8.64 -9.35 -3.39
N GLY B 11 7.73 -8.44 -3.03
CA GLY B 11 8.09 -7.02 -2.95
C GLY B 11 8.40 -6.35 -4.29
OH ALY B 12 5.38 -5.11 -7.88
CH ALY B 12 5.19 -5.45 -6.71
CH3 ALY B 12 5.00 -6.88 -6.32
NZ ALY B 12 5.16 -4.58 -5.73
CE ALY B 12 5.28 -3.15 -5.96
CD ALY B 12 6.66 -2.60 -6.10
CG ALY B 12 7.38 -2.63 -4.76
CB ALY B 12 8.87 -2.83 -4.99
CA ALY B 12 9.17 -4.29 -5.39
N ALY B 12 8.95 -5.13 -4.21
C ALY B 12 10.56 -4.37 -5.97
O ALY B 12 10.77 -3.93 -7.10
N ALA B 13 11.52 -4.88 -5.20
CA ALA B 13 12.92 -4.96 -5.64
C ALA B 13 13.50 -6.31 -5.27
N PRO B 14 14.54 -6.74 -5.96
CA PRO B 14 15.12 -8.02 -5.59
C PRO B 14 15.61 -8.05 -4.15
N ARG B 15 15.50 -9.21 -3.52
CA ARG B 15 16.04 -9.46 -2.17
C ARG B 15 17.58 -9.29 -2.17
N LYS B 16 18.12 -8.69 -1.11
CA LYS B 16 19.59 -8.52 -0.94
S SO4 C . -3.86 8.36 -19.37
O1 SO4 C . -2.77 9.03 -18.62
O2 SO4 C . -3.61 8.47 -20.84
O3 SO4 C . -5.17 9.00 -19.05
O4 SO4 C . -3.90 6.94 -18.97
S SO4 D . -13.95 -5.22 11.73
O1 SO4 D . -13.41 -3.96 11.15
O2 SO4 D . -12.86 -6.11 12.21
O3 SO4 D . -14.85 -4.91 12.87
O4 SO4 D . -14.73 -5.91 10.67
UNK UNX E . 7.99 7.06 -9.56
UNK UNX F . 0.08 11.23 16.68
UNK UNX G . -4.86 18.65 13.61
UNK UNX H . -1.59 14.44 15.37
UNK UNX I . -16.72 1.45 4.65
UNK UNX J . -2.14 8.42 -12.77
UNK UNX K . 10.74 -12.89 -2.02
UNK UNX L . 21.59 2.18 -17.13
UNK UNX M . 21.05 0.84 -19.77
UNK UNX N . 10.13 5.76 -10.71
UNK UNX O . -0.59 -8.20 -24.21
UNK UNX P . 11.99 -10.70 -3.97
UNK UNX Q . 8.02 -24.04 -4.63
UNK UNX R . 0.83 1.83 -17.13
UNK UNX S . 5.25 19.27 9.01
UNK UNX T . 6.19 13.95 10.26
UNK UNX U . 1.01 3.40 22.52
UNK UNX V . 14.67 1.28 -9.95
UNK UNX W . 8.67 -7.14 0.60
UNK UNX X . 5.27 1.37 -20.73
UNK UNX Y . 6.16 16.94 10.42
UNK UNX Z . 6.26 -0.57 0.67
UNK UNX AA . 4.91 8.43 -18.20
UNK UNX BA . -12.33 -8.01 14.17
UNK UNX CA . 4.10 -18.59 -24.31
UNK UNX DA . 15.95 -7.45 1.35
#